data_2WU8
#
_entry.id   2WU8
#
_cell.length_a   109.700
_cell.length_b   118.500
_cell.length_c   137.600
_cell.angle_alpha   90.00
_cell.angle_beta   90.00
_cell.angle_gamma   90.00
#
_symmetry.space_group_name_H-M   'I 21 21 21'
#
loop_
_entity.id
_entity.type
_entity.pdbx_description
1 polymer 'GLUCOSE-6-PHOSPHATE ISOMERASE'
2 non-polymer 'SULFATE ION'
3 water water
#
_entity_poly.entity_id   1
_entity_poly.type   'polypeptide(L)'
_entity_poly.pdbx_seq_one_letter_code
;PDITATPAWDALARHHDQIGNTHLRQFFADDPGRGRELTVSVGDLYIDYSKHRVTRETLALLIDLARTAHLEERRDQMFA
GVHINTSEDRAVLHTALRLPRDAELVVDGQDVVTDVHAVLDAMGAFTDRLRSGEWTGATGKRISTVVNIGIGGSDLGPVM
VYQALRHYADAGISARFVSNVDPADLIATLADLDPATTLFIVASKTFSTLETLTNATAARRWLTDALGDAAVSRHFVAVS
TNKRLVDDFGINTDNMFGFWDWVGGRYSVDSAIGLSLMTVIGRDAFADFLAGFHIIDRHFATAPLESNAPVLLGLIGLWY
SNFFGAQSRTVLPYSNDLSRFPAYLQQLTMESNGKSTRADGSPVSADTGEIFWGEPGTNGQHAFYQLLHQGTRLVPADFI
GFAQPLDDLPTAEGTGSMHDLLMSNFFAQTQVLAFGKTAEEIAADGTPAHVVAHKVMPGNRPSTSILASRLTPSVLGQLI
ALYEHQVFTEGVVWGIDSFDQWGVELGKTQAKALLPVITGAGSPPPQSDSSTDGLVRRYRTERGRAGLE
;
_entity_poly.pdbx_strand_id   A
#
# COMPACT_ATOMS: atom_id res chain seq x y z
N PRO A 1 -21.42 18.39 -5.96
CA PRO A 1 -21.21 19.81 -5.63
C PRO A 1 -19.87 20.02 -4.94
N ASP A 2 -19.40 21.26 -4.89
CA ASP A 2 -18.13 21.58 -4.24
C ASP A 2 -18.20 21.50 -2.71
N ILE A 3 -17.57 20.46 -2.14
CA ILE A 3 -17.59 20.24 -0.70
C ILE A 3 -17.06 21.45 0.08
N THR A 4 -16.21 22.24 -0.56
CA THR A 4 -15.56 23.38 0.09
C THR A 4 -16.52 24.56 0.30
N ALA A 5 -17.69 24.50 -0.34
CA ALA A 5 -18.66 25.58 -0.24
C ALA A 5 -19.82 25.26 0.72
N THR A 6 -19.81 24.06 1.29
CA THR A 6 -20.89 23.65 2.18
C THR A 6 -20.75 24.23 3.57
N PRO A 7 -21.87 24.33 4.29
CA PRO A 7 -21.87 24.74 5.71
C PRO A 7 -20.96 23.87 6.57
N ALA A 8 -21.01 22.55 6.40
CA ALA A 8 -20.12 21.66 7.14
C ALA A 8 -18.66 22.08 7.01
N TRP A 9 -18.23 22.44 5.79
CA TRP A 9 -16.85 22.85 5.58
C TRP A 9 -16.56 24.14 6.33
N ASP A 10 -17.44 25.13 6.19
CA ASP A 10 -17.24 26.40 6.88
C ASP A 10 -17.22 26.22 8.40
N ALA A 11 -18.11 25.38 8.92
CA ALA A 11 -18.13 25.09 10.35
C ALA A 11 -16.78 24.55 10.83
N LEU A 12 -16.17 23.71 10.00
CA LEU A 12 -14.84 23.18 10.31
C LEU A 12 -13.74 24.26 10.24
N ALA A 13 -13.84 25.16 9.26
CA ALA A 13 -12.90 26.29 9.21
C ALA A 13 -12.98 27.12 10.48
N ARG A 14 -14.20 27.47 10.90
CA ARG A 14 -14.39 28.26 12.12
C ARG A 14 -13.87 27.51 13.34
N HIS A 15 -14.14 26.23 13.40
CA HIS A 15 -13.65 25.38 14.49
C HIS A 15 -12.11 25.41 14.54
N HIS A 16 -11.47 25.28 13.38
CA HIS A 16 -10.02 25.35 13.31
C HIS A 16 -9.47 26.70 13.77
N ASP A 17 -10.19 27.77 13.47
CA ASP A 17 -9.82 29.08 13.98
C ASP A 17 -9.73 29.10 15.52
N GLN A 18 -10.53 28.28 16.19
CA GLN A 18 -10.50 28.20 17.65
C GLN A 18 -9.45 27.27 18.23
N ILE A 19 -9.35 26.05 17.72
CA ILE A 19 -8.51 25.05 18.38
C ILE A 19 -7.23 24.71 17.61
N GLY A 20 -7.02 25.36 16.47
CA GLY A 20 -5.88 25.09 15.61
C GLY A 20 -4.52 25.22 16.27
N ASN A 21 -4.43 26.03 17.31
CA ASN A 21 -3.15 26.20 18.00
C ASN A 21 -3.12 25.57 19.39
N THR A 22 -4.21 24.91 19.76
CA THR A 22 -4.28 24.22 21.05
C THR A 22 -3.30 23.04 21.08
N HIS A 23 -2.65 22.85 22.23
CA HIS A 23 -1.64 21.82 22.41
C HIS A 23 -2.25 20.52 22.95
N LEU A 24 -1.66 19.39 22.61
CA LEU A 24 -2.18 18.09 23.03
C LEU A 24 -2.21 17.96 24.55
N ARG A 25 -1.27 18.59 25.24
CA ARG A 25 -1.30 18.63 26.70
C ARG A 25 -2.63 19.18 27.22
N GLN A 26 -3.16 20.20 26.55
CA GLN A 26 -4.41 20.82 26.97
C GLN A 26 -5.61 19.98 26.53
N PHE A 27 -5.52 19.43 25.32
CA PHE A 27 -6.56 18.52 24.85
C PHE A 27 -6.81 17.42 25.87
N PHE A 28 -5.72 16.85 26.41
CA PHE A 28 -5.82 15.76 27.36
C PHE A 28 -6.25 16.22 28.75
N ALA A 29 -5.80 17.41 29.16
CA ALA A 29 -6.19 17.96 30.45
C ALA A 29 -7.70 18.20 30.49
N ASP A 30 -8.25 18.68 29.38
CA ASP A 30 -9.67 18.97 29.28
C ASP A 30 -10.51 17.71 29.08
N ASP A 31 -9.88 16.63 28.62
CA ASP A 31 -10.63 15.45 28.21
C ASP A 31 -9.98 14.16 28.74
N PRO A 32 -10.06 13.96 30.05
CA PRO A 32 -9.41 12.84 30.76
C PRO A 32 -9.75 11.46 30.22
N GLY A 33 -10.98 11.24 29.76
CA GLY A 33 -11.40 9.93 29.31
C GLY A 33 -11.06 9.60 27.84
N ARG A 34 -10.43 10.53 27.14
CA ARG A 34 -10.22 10.35 25.70
C ARG A 34 -9.40 9.10 25.40
N GLY A 35 -8.45 8.80 26.28
CA GLY A 35 -7.58 7.65 26.12
C GLY A 35 -8.35 6.34 26.02
N ARG A 36 -9.51 6.28 26.63
CA ARG A 36 -10.31 5.06 26.58
C ARG A 36 -11.39 5.18 25.52
N GLU A 37 -11.94 6.39 25.38
CA GLU A 37 -13.13 6.60 24.57
C GLU A 37 -12.88 6.90 23.09
N LEU A 38 -11.75 7.53 22.77
CA LEU A 38 -11.41 7.77 21.38
C LEU A 38 -10.60 6.59 20.86
N THR A 39 -11.15 5.39 21.00
CA THR A 39 -10.52 4.18 20.50
C THR A 39 -11.57 3.32 19.81
N VAL A 40 -11.14 2.46 18.91
CA VAL A 40 -12.03 1.48 18.31
C VAL A 40 -11.35 0.13 18.35
N SER A 41 -12.04 -0.86 18.91
CA SER A 41 -11.57 -2.23 18.86
C SER A 41 -12.32 -2.96 17.76
N VAL A 42 -11.58 -3.47 16.78
CA VAL A 42 -12.23 -4.18 15.66
C VAL A 42 -11.34 -5.29 15.13
N GLY A 43 -11.92 -6.48 14.96
CA GLY A 43 -11.14 -7.64 14.59
C GLY A 43 -10.07 -7.85 15.65
N ASP A 44 -8.82 -7.97 15.19
CA ASP A 44 -7.68 -8.11 16.09
C ASP A 44 -6.93 -6.80 16.29
N LEU A 45 -7.60 -5.70 15.96
CA LEU A 45 -6.99 -4.38 16.01
C LEU A 45 -7.51 -3.56 17.18
N TYR A 46 -6.60 -2.96 17.93
CA TYR A 46 -6.95 -1.94 18.88
C TYR A 46 -6.43 -0.63 18.31
N ILE A 47 -7.35 0.28 18.03
CA ILE A 47 -7.03 1.54 17.35
C ILE A 47 -7.28 2.70 18.27
N ASP A 48 -6.21 3.35 18.69
CA ASP A 48 -6.26 4.46 19.62
C ASP A 48 -5.98 5.74 18.85
N TYR A 49 -7.02 6.55 18.63
CA TYR A 49 -6.86 7.79 17.89
C TYR A 49 -6.95 9.02 18.78
N SER A 50 -6.63 8.84 20.06
CA SER A 50 -6.80 9.89 21.06
C SER A 50 -5.71 10.95 21.03
N LYS A 51 -4.50 10.56 20.65
CA LYS A 51 -3.40 11.54 20.50
C LYS A 51 -3.52 12.39 19.23
N HIS A 52 -4.71 12.94 18.98
CA HIS A 52 -4.90 13.80 17.83
C HIS A 52 -5.43 15.14 18.26
N ARG A 53 -5.19 16.15 17.44
CA ARG A 53 -5.61 17.50 17.81
C ARG A 53 -7.09 17.66 17.50
N VAL A 54 -7.92 16.96 18.26
CA VAL A 54 -9.36 17.00 18.07
C VAL A 54 -10.10 17.00 19.41
N THR A 55 -11.26 17.65 19.46
CA THR A 55 -12.18 17.50 20.58
C THR A 55 -13.28 16.57 20.15
N ARG A 56 -14.23 16.28 21.04
CA ARG A 56 -15.39 15.48 20.65
C ARG A 56 -16.18 16.27 19.63
N GLU A 57 -16.17 17.59 19.78
CA GLU A 57 -16.84 18.47 18.81
C GLU A 57 -16.18 18.39 17.43
N THR A 58 -14.86 18.34 17.36
CA THR A 58 -14.17 18.20 16.07
C THR A 58 -14.69 16.96 15.35
N LEU A 59 -14.79 15.86 16.09
CA LEU A 59 -15.18 14.58 15.51
C LEU A 59 -16.58 14.65 14.92
N ALA A 60 -17.48 15.32 15.63
CA ALA A 60 -18.87 15.47 15.18
C ALA A 60 -18.92 16.34 13.93
N LEU A 61 -18.15 17.43 13.93
CA LEU A 61 -18.10 18.30 12.76
C LEU A 61 -17.51 17.58 11.54
N LEU A 62 -16.47 16.77 11.78
CA LEU A 62 -15.87 15.99 10.70
C LEU A 62 -16.87 14.99 10.14
N ILE A 63 -17.62 14.36 11.04
CA ILE A 63 -18.65 13.38 10.66
C ILE A 63 -19.79 14.07 9.90
N ASP A 64 -20.14 15.29 10.30
CA ASP A 64 -21.08 16.11 9.54
C ASP A 64 -20.62 16.31 8.10
N LEU A 65 -19.35 16.64 7.92
CA LEU A 65 -18.78 16.80 6.58
C LEU A 65 -18.96 15.51 5.78
N ALA A 66 -18.65 14.39 6.40
CA ALA A 66 -18.81 13.08 5.78
C ALA A 66 -20.22 12.84 5.29
N ARG A 67 -21.20 13.11 6.16
CA ARG A 67 -22.61 12.91 5.80
C ARG A 67 -23.05 13.81 4.66
N THR A 68 -22.62 15.08 4.68
CA THR A 68 -23.00 15.98 3.59
C THR A 68 -22.33 15.55 2.27
N ALA A 69 -21.29 14.73 2.37
CA ALA A 69 -20.64 14.19 1.18
C ALA A 69 -21.26 12.85 0.77
N HIS A 70 -22.21 12.38 1.56
CA HIS A 70 -22.96 11.15 1.28
C HIS A 70 -22.07 9.91 1.33
N LEU A 71 -21.14 9.90 2.27
CA LEU A 71 -20.18 8.81 2.39
C LEU A 71 -20.88 7.46 2.38
N GLU A 72 -21.91 7.33 3.21
CA GLU A 72 -22.58 6.04 3.39
C GLU A 72 -23.29 5.56 2.13
N GLU A 73 -23.90 6.48 1.40
CA GLU A 73 -24.53 6.13 0.13
C GLU A 73 -23.47 5.61 -0.85
N ARG A 74 -22.40 6.39 -1.04
CA ARG A 74 -21.31 5.99 -1.94
C ARG A 74 -20.71 4.66 -1.52
N ARG A 75 -20.54 4.46 -0.21
CA ARG A 75 -20.00 3.21 0.29
C ARG A 75 -20.87 2.03 -0.13
N ASP A 76 -22.17 2.14 0.11
CA ASP A 76 -23.11 1.10 -0.29
C ASP A 76 -23.07 0.89 -1.80
N GLN A 77 -22.99 1.99 -2.54
CA GLN A 77 -22.88 1.93 -4.00
C GLN A 77 -21.64 1.18 -4.50
N MET A 78 -20.54 1.26 -3.74
CA MET A 78 -19.33 0.53 -4.11
C MET A 78 -19.53 -0.97 -3.93
N PHE A 79 -19.96 -1.35 -2.73
CA PHE A 79 -20.22 -2.76 -2.42
C PHE A 79 -21.19 -3.37 -3.42
N ALA A 80 -22.20 -2.59 -3.82
CA ALA A 80 -23.25 -3.08 -4.71
C ALA A 80 -22.77 -3.24 -6.14
N GLY A 81 -21.76 -2.47 -6.53
CA GLY A 81 -21.19 -2.63 -7.86
C GLY A 81 -21.67 -1.62 -8.86
N VAL A 82 -22.08 -0.45 -8.38
CA VAL A 82 -22.40 0.63 -9.28
C VAL A 82 -21.08 1.22 -9.77
N HIS A 83 -21.13 1.90 -10.92
CA HIS A 83 -19.91 2.39 -11.55
C HIS A 83 -19.42 3.72 -10.98
N ILE A 84 -18.89 3.68 -9.76
CA ILE A 84 -18.39 4.88 -9.10
C ILE A 84 -17.03 5.35 -9.64
N ASN A 85 -16.39 4.49 -10.43
CA ASN A 85 -15.22 4.93 -11.19
C ASN A 85 -15.74 5.62 -12.43
N THR A 86 -16.13 6.88 -12.27
CA THR A 86 -16.84 7.64 -13.29
C THR A 86 -16.06 7.88 -14.59
N SER A 87 -14.78 8.23 -14.46
CA SER A 87 -13.99 8.59 -15.63
C SER A 87 -13.80 7.39 -16.57
N GLU A 88 -13.91 6.19 -16.02
CA GLU A 88 -13.72 4.99 -16.83
C GLU A 88 -15.00 4.17 -16.97
N ASP A 89 -16.06 4.67 -16.33
CA ASP A 89 -17.35 3.99 -16.26
C ASP A 89 -17.28 2.54 -15.85
N ARG A 90 -16.62 2.25 -14.73
CA ARG A 90 -16.67 0.87 -14.27
C ARG A 90 -16.82 0.69 -12.78
N ALA A 91 -17.14 -0.55 -12.41
CA ALA A 91 -17.35 -0.91 -11.03
C ALA A 91 -16.03 -0.87 -10.27
N VAL A 92 -16.13 -0.87 -8.95
CA VAL A 92 -14.97 -0.92 -8.07
C VAL A 92 -15.26 -2.01 -7.07
N LEU A 93 -14.73 -3.20 -7.32
CA LEU A 93 -15.17 -4.36 -6.56
C LEU A 93 -14.06 -5.22 -5.96
N HIS A 94 -12.95 -4.59 -5.58
CA HIS A 94 -11.91 -5.33 -4.87
C HIS A 94 -12.49 -5.98 -3.62
N THR A 95 -13.49 -5.32 -3.04
CA THR A 95 -14.18 -5.84 -1.87
C THR A 95 -14.84 -7.22 -2.12
N ALA A 96 -15.24 -7.46 -3.37
CA ALA A 96 -15.81 -8.75 -3.76
C ALA A 96 -14.80 -9.90 -3.73
N LEU A 97 -13.52 -9.58 -3.83
CA LEU A 97 -12.44 -10.56 -3.88
C LEU A 97 -12.31 -11.39 -2.61
N ARG A 98 -12.79 -10.84 -1.49
CA ARG A 98 -12.65 -11.51 -0.20
C ARG A 98 -14.00 -11.92 0.42
N LEU A 99 -15.04 -12.00 -0.41
CA LEU A 99 -16.36 -12.44 0.06
C LEU A 99 -16.38 -13.95 0.26
N PRO A 100 -17.06 -14.41 1.30
CA PRO A 100 -17.20 -15.85 1.51
C PRO A 100 -17.86 -16.52 0.31
N ARG A 101 -17.63 -17.82 0.17
CA ARG A 101 -18.15 -18.60 -0.94
C ARG A 101 -19.67 -18.47 -1.07
N ASP A 102 -20.34 -18.36 0.06
CA ASP A 102 -21.80 -18.36 0.12
C ASP A 102 -22.41 -16.97 -0.12
N ALA A 103 -21.57 -15.98 -0.42
CA ALA A 103 -22.04 -14.61 -0.58
C ALA A 103 -22.88 -14.43 -1.85
N GLU A 104 -23.74 -13.42 -1.83
CA GLU A 104 -24.65 -13.18 -2.94
C GLU A 104 -24.25 -11.89 -3.62
N LEU A 105 -23.79 -11.98 -4.87
CA LEU A 105 -23.44 -10.77 -5.59
C LEU A 105 -23.48 -10.98 -7.10
N VAL A 106 -24.42 -10.27 -7.74
CA VAL A 106 -24.48 -10.25 -9.20
C VAL A 106 -24.36 -8.81 -9.65
N VAL A 107 -23.43 -8.55 -10.56
CA VAL A 107 -23.19 -7.19 -11.02
C VAL A 107 -23.02 -7.17 -12.53
N ASP A 108 -23.82 -6.35 -13.20
CA ASP A 108 -23.75 -6.22 -14.66
C ASP A 108 -23.92 -7.56 -15.37
N GLY A 109 -24.62 -8.49 -14.74
CA GLY A 109 -24.88 -9.79 -15.35
C GLY A 109 -23.86 -10.84 -15.00
N GLN A 110 -22.84 -10.44 -14.23
CA GLN A 110 -21.79 -11.35 -13.81
C GLN A 110 -22.03 -11.81 -12.38
N ASP A 111 -21.93 -13.12 -12.15
CA ASP A 111 -21.92 -13.63 -10.79
C ASP A 111 -20.48 -13.60 -10.29
N VAL A 112 -20.11 -12.53 -9.61
CA VAL A 112 -18.72 -12.31 -9.24
C VAL A 112 -18.22 -13.25 -8.14
N VAL A 113 -19.12 -13.67 -7.25
CA VAL A 113 -18.73 -14.57 -6.18
C VAL A 113 -18.23 -15.89 -6.74
N THR A 114 -19.00 -16.45 -7.67
CA THR A 114 -18.66 -17.68 -8.34
C THR A 114 -17.37 -17.54 -9.16
N ASP A 115 -17.25 -16.44 -9.91
CA ASP A 115 -16.05 -16.16 -10.68
C ASP A 115 -14.82 -16.03 -9.79
N VAL A 116 -14.97 -15.34 -8.66
CA VAL A 116 -13.86 -15.15 -7.73
C VAL A 116 -13.34 -16.48 -7.18
N HIS A 117 -14.25 -17.31 -6.66
CA HIS A 117 -13.84 -18.56 -6.03
C HIS A 117 -13.37 -19.58 -7.03
N ALA A 118 -13.86 -19.48 -8.27
CA ALA A 118 -13.36 -20.34 -9.33
C ALA A 118 -11.86 -20.12 -9.49
N VAL A 119 -11.45 -18.85 -9.57
CA VAL A 119 -10.03 -18.53 -9.68
C VAL A 119 -9.27 -18.97 -8.42
N LEU A 120 -9.82 -18.69 -7.24
CA LEU A 120 -9.16 -19.08 -5.99
C LEU A 120 -8.95 -20.60 -5.88
N ASP A 121 -9.95 -21.36 -6.32
CA ASP A 121 -9.85 -22.82 -6.36
C ASP A 121 -8.74 -23.29 -7.30
N ALA A 122 -8.74 -22.72 -8.51
CA ALA A 122 -7.70 -23.01 -9.49
C ALA A 122 -6.30 -22.66 -8.96
N MET A 123 -6.17 -21.54 -8.25
CA MET A 123 -4.90 -21.17 -7.63
C MET A 123 -4.56 -22.18 -6.55
N GLY A 124 -5.56 -22.56 -5.76
CA GLY A 124 -5.36 -23.52 -4.69
C GLY A 124 -4.84 -24.84 -5.22
N ALA A 125 -5.40 -25.28 -6.36
CA ALA A 125 -5.03 -26.54 -6.96
C ALA A 125 -3.62 -26.49 -7.55
N PHE A 126 -3.34 -25.43 -8.31
CA PHE A 126 -2.01 -25.26 -8.90
C PHE A 126 -0.97 -25.18 -7.82
N THR A 127 -1.30 -24.42 -6.79
CA THR A 127 -0.33 -24.11 -5.75
C THR A 127 -0.04 -25.36 -4.91
N ASP A 128 -1.09 -26.11 -4.56
CA ASP A 128 -0.94 -27.40 -3.88
C ASP A 128 0.05 -28.35 -4.60
N ARG A 129 -0.04 -28.42 -5.92
CA ARG A 129 0.89 -29.22 -6.72
C ARG A 129 2.35 -28.78 -6.54
N LEU A 130 2.57 -27.46 -6.50
CA LEU A 130 3.91 -26.93 -6.28
C LEU A 130 4.44 -27.31 -4.89
N ARG A 131 3.63 -27.05 -3.87
CA ARG A 131 4.04 -27.31 -2.50
C ARG A 131 4.24 -28.82 -2.18
N SER A 132 3.55 -29.68 -2.90
CA SER A 132 3.65 -31.12 -2.65
C SER A 132 4.74 -31.79 -3.50
N GLY A 133 5.07 -31.16 -4.62
CA GLY A 133 6.08 -31.72 -5.51
C GLY A 133 5.50 -32.52 -6.66
N GLU A 134 4.17 -32.50 -6.80
CA GLU A 134 3.51 -33.12 -7.94
C GLU A 134 3.88 -32.36 -9.20
N TRP A 135 4.09 -31.05 -9.07
CA TRP A 135 4.58 -30.22 -10.17
C TRP A 135 6.10 -30.24 -10.17
N THR A 136 6.71 -30.65 -11.27
CA THR A 136 8.17 -30.66 -11.34
C THR A 136 8.71 -29.87 -12.54
N GLY A 137 9.98 -29.48 -12.45
CA GLY A 137 10.62 -28.73 -13.51
C GLY A 137 10.81 -29.57 -14.76
N ALA A 138 11.46 -29.00 -15.78
CA ALA A 138 11.69 -29.68 -17.06
C ALA A 138 12.65 -30.87 -16.93
N THR A 139 13.60 -30.76 -16.01
CA THR A 139 14.29 -31.92 -15.48
C THR A 139 13.46 -32.33 -14.27
N GLY A 140 13.79 -33.40 -13.61
CA GLY A 140 12.86 -33.94 -12.62
C GLY A 140 12.57 -33.25 -11.30
N LYS A 141 13.16 -32.08 -11.06
CA LYS A 141 13.15 -31.53 -9.72
C LYS A 141 11.92 -30.71 -9.29
N ARG A 142 11.75 -30.62 -7.97
CA ARG A 142 10.70 -29.80 -7.40
C ARG A 142 11.08 -28.32 -7.44
N ILE A 143 10.08 -27.45 -7.44
CA ILE A 143 10.29 -26.01 -7.48
C ILE A 143 10.59 -25.47 -6.09
N SER A 144 11.73 -24.83 -5.92
CA SER A 144 12.10 -24.29 -4.61
C SER A 144 12.07 -22.76 -4.56
N THR A 145 12.01 -22.13 -5.72
CA THR A 145 11.89 -20.67 -5.79
C THR A 145 10.88 -20.24 -6.83
N VAL A 146 9.95 -19.40 -6.39
CA VAL A 146 9.03 -18.73 -7.29
C VAL A 146 9.47 -17.27 -7.46
N VAL A 147 9.57 -16.82 -8.71
CA VAL A 147 9.94 -15.43 -8.94
C VAL A 147 8.85 -14.73 -9.73
N ASN A 148 8.32 -13.70 -9.09
CA ASN A 148 7.21 -12.93 -9.61
C ASN A 148 7.77 -11.84 -10.49
N ILE A 149 7.10 -11.59 -11.61
CA ILE A 149 7.48 -10.50 -12.47
C ILE A 149 6.30 -9.59 -12.72
N GLY A 150 6.44 -8.33 -12.34
CA GLY A 150 5.38 -7.34 -12.53
C GLY A 150 5.83 -5.98 -12.06
N ILE A 151 5.00 -4.97 -12.31
CA ILE A 151 5.29 -3.64 -11.81
C ILE A 151 4.06 -3.07 -11.12
N GLY A 152 4.26 -2.06 -10.29
CA GLY A 152 3.17 -1.39 -9.61
C GLY A 152 2.31 -2.32 -8.77
N GLY A 153 1.02 -2.31 -9.02
CA GLY A 153 0.09 -3.16 -8.29
C GLY A 153 0.46 -4.63 -8.40
N SER A 154 1.17 -4.98 -9.47
CA SER A 154 1.57 -6.37 -9.68
C SER A 154 2.90 -6.73 -9.00
N ASP A 155 3.50 -5.76 -8.31
CA ASP A 155 4.75 -5.98 -7.56
C ASP A 155 4.69 -5.57 -6.08
N LEU A 156 4.26 -4.34 -5.79
CA LEU A 156 4.36 -3.81 -4.42
C LEU A 156 3.62 -4.70 -3.42
N GLY A 157 2.44 -5.17 -3.80
CA GLY A 157 1.70 -6.09 -2.96
C GLY A 157 2.45 -7.39 -2.74
N PRO A 158 2.66 -8.17 -3.82
CA PRO A 158 3.34 -9.45 -3.66
C PRO A 158 4.61 -9.35 -2.80
N VAL A 159 5.39 -8.27 -2.94
CA VAL A 159 6.63 -8.17 -2.17
C VAL A 159 6.37 -7.89 -0.69
N MET A 160 5.55 -6.87 -0.41
CA MET A 160 5.25 -6.48 0.97
C MET A 160 4.67 -7.67 1.75
N VAL A 161 3.72 -8.32 1.11
CA VAL A 161 2.96 -9.42 1.69
C VAL A 161 3.82 -10.68 1.94
N TYR A 162 4.76 -10.96 1.04
CA TYR A 162 5.70 -12.05 1.25
C TYR A 162 6.60 -11.78 2.44
N GLN A 163 7.10 -10.55 2.55
CA GLN A 163 7.97 -10.19 3.66
C GLN A 163 7.22 -10.15 4.98
N ALA A 164 6.00 -9.63 4.94
CA ALA A 164 5.17 -9.53 6.14
C ALA A 164 4.82 -10.91 6.73
N LEU A 165 4.56 -11.90 5.88
CA LEU A 165 4.11 -13.21 6.34
C LEU A 165 5.21 -14.24 6.20
N ARG A 166 6.44 -13.76 6.25
CA ARG A 166 7.62 -14.59 6.11
C ARG A 166 7.57 -15.78 7.08
N HIS A 167 7.19 -15.51 8.32
CA HIS A 167 7.07 -16.55 9.33
C HIS A 167 6.13 -17.70 8.94
N TYR A 168 5.16 -17.43 8.07
CA TYR A 168 4.23 -18.46 7.63
C TYR A 168 4.63 -19.24 6.37
N ALA A 169 5.79 -18.94 5.80
CA ALA A 169 6.32 -19.75 4.69
C ALA A 169 6.66 -21.13 5.23
N ASP A 170 5.92 -22.16 4.80
CA ASP A 170 6.02 -23.46 5.45
C ASP A 170 6.26 -24.64 4.50
N ALA A 171 6.50 -24.37 3.22
CA ALA A 171 6.64 -25.44 2.25
C ALA A 171 8.04 -25.50 1.64
N GLY A 172 8.97 -24.78 2.25
CA GLY A 172 10.33 -24.75 1.77
C GLY A 172 10.51 -24.13 0.40
N ILE A 173 9.49 -23.44 -0.10
CA ILE A 173 9.72 -22.63 -1.30
C ILE A 173 9.74 -21.14 -0.96
N SER A 174 10.72 -20.44 -1.52
CA SER A 174 10.88 -19.01 -1.29
C SER A 174 10.39 -18.22 -2.50
N ALA A 175 10.41 -16.90 -2.39
CA ALA A 175 10.01 -16.06 -3.51
C ALA A 175 10.94 -14.87 -3.72
N ARG A 176 11.00 -14.43 -4.99
CA ARG A 176 11.72 -13.22 -5.39
C ARG A 176 10.83 -12.43 -6.36
N PHE A 177 11.18 -11.17 -6.59
CA PHE A 177 10.29 -10.23 -7.29
C PHE A 177 11.11 -9.32 -8.21
N VAL A 178 10.76 -9.29 -9.49
CA VAL A 178 11.56 -8.55 -10.46
C VAL A 178 10.71 -7.48 -11.16
N SER A 179 10.89 -6.19 -10.82
CA SER A 179 9.94 -5.18 -11.31
C SER A 179 10.58 -4.16 -12.22
N ASN A 180 11.81 -3.77 -11.93
CA ASN A 180 12.41 -2.66 -12.69
C ASN A 180 12.78 -3.10 -14.11
N VAL A 181 12.66 -2.18 -15.05
CA VAL A 181 13.15 -2.43 -16.42
C VAL A 181 14.66 -2.19 -16.49
N ASP A 182 15.21 -1.55 -15.47
CA ASP A 182 16.65 -1.58 -15.28
C ASP A 182 17.08 -3.04 -15.24
N PRO A 183 17.88 -3.49 -16.23
CA PRO A 183 18.24 -4.92 -16.31
C PRO A 183 18.98 -5.43 -15.08
N ALA A 184 19.48 -4.51 -14.25
CA ALA A 184 20.20 -4.89 -13.05
C ALA A 184 19.29 -5.67 -12.10
N ASP A 185 17.98 -5.44 -12.21
CA ASP A 185 17.02 -6.09 -11.32
C ASP A 185 17.00 -7.58 -11.65
N LEU A 186 16.70 -7.89 -12.90
CA LEU A 186 16.62 -9.29 -13.35
C LEU A 186 17.94 -10.02 -13.13
N ILE A 187 19.03 -9.35 -13.48
CA ILE A 187 20.35 -9.97 -13.43
C ILE A 187 20.73 -10.29 -11.98
N ALA A 188 20.40 -9.40 -11.06
CA ALA A 188 20.74 -9.64 -9.65
C ALA A 188 19.86 -10.72 -9.04
N THR A 189 18.62 -10.80 -9.49
CA THR A 189 17.70 -11.73 -8.85
C THR A 189 17.88 -13.15 -9.36
N LEU A 190 18.40 -13.30 -10.58
CA LEU A 190 18.58 -14.63 -11.15
C LEU A 190 19.98 -15.19 -10.96
N ALA A 191 20.87 -14.39 -10.39
CA ALA A 191 22.29 -14.73 -10.36
C ALA A 191 22.60 -16.11 -9.78
N ASP A 192 22.00 -16.42 -8.62
CA ASP A 192 22.34 -17.64 -7.90
C ASP A 192 21.21 -18.66 -7.95
N LEU A 193 20.35 -18.56 -8.97
CA LEU A 193 19.21 -19.46 -9.06
C LEU A 193 19.44 -20.59 -10.06
N ASP A 194 19.01 -21.79 -9.69
CA ASP A 194 19.04 -22.93 -10.59
C ASP A 194 17.75 -22.91 -11.40
N PRO A 195 17.87 -22.78 -12.73
CA PRO A 195 16.68 -22.71 -13.60
C PRO A 195 15.79 -23.95 -13.46
N ALA A 196 16.37 -25.10 -13.11
CA ALA A 196 15.58 -26.33 -12.99
C ALA A 196 14.62 -26.31 -11.80
N THR A 197 14.92 -25.49 -10.80
CA THR A 197 14.12 -25.45 -9.57
C THR A 197 13.40 -24.12 -9.42
N THR A 198 13.41 -23.32 -10.50
CA THR A 198 12.86 -21.97 -10.47
C THR A 198 11.61 -21.92 -11.35
N LEU A 199 10.56 -21.26 -10.86
CA LEU A 199 9.35 -21.07 -11.66
C LEU A 199 8.93 -19.61 -11.64
N PHE A 200 8.49 -19.12 -12.80
CA PHE A 200 8.17 -17.70 -12.95
C PHE A 200 6.68 -17.43 -12.96
N ILE A 201 6.27 -16.39 -12.23
CA ILE A 201 4.90 -15.91 -12.29
C ILE A 201 4.91 -14.57 -12.98
N VAL A 202 4.43 -14.52 -14.22
CA VAL A 202 4.40 -13.24 -14.91
C VAL A 202 3.01 -12.58 -14.79
N ALA A 203 2.98 -11.50 -14.03
CA ALA A 203 1.74 -10.84 -13.63
C ALA A 203 1.46 -9.55 -14.41
N SER A 204 0.49 -9.62 -15.31
CA SER A 204 -0.03 -8.41 -15.95
C SER A 204 -1.36 -8.65 -16.66
N LYS A 205 -2.30 -7.77 -16.41
CA LYS A 205 -3.66 -7.92 -16.88
C LYS A 205 -3.77 -8.00 -18.40
N THR A 206 -2.95 -7.21 -19.09
CA THR A 206 -3.01 -7.14 -20.54
C THR A 206 -2.01 -8.13 -21.12
N PHE A 207 -0.96 -8.34 -20.34
CA PHE A 207 0.14 -9.18 -20.75
C PHE A 207 0.85 -8.50 -21.91
N SER A 208 0.87 -7.16 -21.88
CA SER A 208 1.57 -6.35 -22.87
C SER A 208 2.40 -5.25 -22.21
N THR A 209 2.35 -5.22 -20.87
CA THR A 209 3.12 -4.25 -20.10
C THR A 209 4.60 -4.27 -20.46
N LEU A 210 5.14 -3.10 -20.72
CA LEU A 210 6.46 -3.00 -21.30
C LEU A 210 7.54 -3.59 -20.42
N GLU A 211 7.58 -3.18 -19.15
CA GLU A 211 8.66 -3.67 -18.28
C GLU A 211 8.52 -5.16 -18.03
N THR A 212 7.29 -5.56 -17.74
CA THR A 212 7.01 -6.92 -17.32
C THR A 212 7.29 -7.92 -18.42
N LEU A 213 6.77 -7.66 -19.62
CA LEU A 213 7.00 -8.59 -20.72
C LEU A 213 8.46 -8.57 -21.17
N THR A 214 9.12 -7.43 -21.01
CA THR A 214 10.53 -7.34 -21.36
C THR A 214 11.36 -8.16 -20.37
N ASN A 215 11.10 -7.96 -19.08
CA ASN A 215 11.70 -8.80 -18.06
C ASN A 215 11.37 -10.27 -18.29
N ALA A 216 10.10 -10.58 -18.59
CA ALA A 216 9.68 -11.97 -18.72
C ALA A 216 10.36 -12.67 -19.90
N THR A 217 10.49 -11.96 -21.02
CA THR A 217 11.12 -12.56 -22.18
C THR A 217 12.60 -12.84 -21.92
N ALA A 218 13.30 -11.91 -21.27
CA ALA A 218 14.69 -12.16 -20.90
C ALA A 218 14.82 -13.37 -19.97
N ALA A 219 13.89 -13.50 -19.03
CA ALA A 219 13.91 -14.65 -18.11
C ALA A 219 13.69 -15.95 -18.88
N ARG A 220 12.85 -15.86 -19.91
CA ARG A 220 12.51 -17.03 -20.71
C ARG A 220 13.75 -17.50 -21.47
N ARG A 221 14.55 -16.55 -21.94
CA ARG A 221 15.77 -16.85 -22.67
C ARG A 221 16.77 -17.53 -21.73
N TRP A 222 16.87 -17.02 -20.50
CA TRP A 222 17.69 -17.61 -19.45
C TRP A 222 17.26 -19.05 -19.15
N LEU A 223 15.96 -19.25 -19.05
CA LEU A 223 15.40 -20.57 -18.74
C LEU A 223 15.63 -21.53 -19.90
N THR A 224 15.34 -21.07 -21.12
CA THR A 224 15.46 -21.91 -22.32
C THR A 224 16.91 -22.28 -22.65
N ASP A 225 17.81 -21.30 -22.53
CA ASP A 225 19.23 -21.57 -22.78
C ASP A 225 19.71 -22.74 -21.92
N ALA A 226 19.10 -22.88 -20.73
CA ALA A 226 19.53 -23.91 -19.79
C ALA A 226 18.77 -25.24 -19.94
N LEU A 227 17.47 -25.16 -20.21
CA LEU A 227 16.60 -26.30 -20.09
C LEU A 227 15.92 -26.67 -21.41
N GLY A 228 16.09 -25.83 -22.43
CA GLY A 228 15.51 -26.12 -23.73
C GLY A 228 14.18 -25.43 -23.97
N ASP A 229 13.75 -25.44 -25.23
CA ASP A 229 12.60 -24.63 -25.66
C ASP A 229 11.24 -25.09 -25.11
N ALA A 230 11.06 -26.40 -24.98
CA ALA A 230 9.77 -26.93 -24.55
C ALA A 230 9.57 -26.82 -23.04
N ALA A 231 10.62 -26.40 -22.34
CA ALA A 231 10.60 -26.32 -20.88
C ALA A 231 9.72 -25.19 -20.36
N VAL A 232 9.37 -24.27 -21.23
CA VAL A 232 8.61 -23.09 -20.83
C VAL A 232 7.35 -23.42 -20.04
N SER A 233 6.63 -24.43 -20.51
CA SER A 233 5.31 -24.76 -19.99
C SER A 233 5.29 -25.14 -18.53
N ARG A 234 6.42 -25.58 -17.98
CA ARG A 234 6.45 -25.96 -16.58
C ARG A 234 7.35 -25.08 -15.72
N HIS A 235 7.69 -23.89 -16.23
CA HIS A 235 8.50 -22.95 -15.50
C HIS A 235 7.93 -21.54 -15.60
N PHE A 236 6.80 -21.42 -16.28
CA PHE A 236 6.13 -20.13 -16.45
C PHE A 236 4.63 -20.30 -16.31
N VAL A 237 4.04 -19.49 -15.42
CA VAL A 237 2.59 -19.36 -15.33
C VAL A 237 2.24 -17.87 -15.41
N ALA A 238 0.98 -17.56 -15.67
CA ALA A 238 0.57 -16.17 -15.87
C ALA A 238 -0.60 -15.74 -14.99
N VAL A 239 -0.48 -14.57 -14.39
CA VAL A 239 -1.63 -13.89 -13.82
C VAL A 239 -2.01 -12.83 -14.83
N SER A 240 -3.02 -13.13 -15.63
CA SER A 240 -3.38 -12.26 -16.73
C SER A 240 -4.83 -12.53 -17.14
N THR A 241 -5.32 -11.83 -18.16
CA THR A 241 -6.67 -11.99 -18.64
C THR A 241 -6.66 -12.28 -20.14
N ASN A 242 -5.47 -12.20 -20.73
CA ASN A 242 -5.31 -12.32 -22.18
C ASN A 242 -4.81 -13.71 -22.61
N LYS A 243 -5.74 -14.61 -22.94
CA LYS A 243 -5.42 -16.00 -23.21
C LYS A 243 -4.52 -16.14 -24.43
N ARG A 244 -4.69 -15.26 -25.41
CA ARG A 244 -3.93 -15.35 -26.65
C ARG A 244 -2.50 -14.79 -26.58
N LEU A 245 -2.20 -13.97 -25.57
CA LEU A 245 -0.82 -13.51 -25.42
C LEU A 245 -0.08 -14.45 -24.51
N VAL A 246 -0.74 -14.94 -23.46
CA VAL A 246 -0.14 -15.90 -22.54
C VAL A 246 0.38 -17.13 -23.27
N ASP A 247 -0.49 -17.76 -24.04
CA ASP A 247 -0.07 -18.49 -25.20
C ASP A 247 -0.35 -17.38 -26.17
N ASP A 248 0.61 -17.00 -27.01
CA ASP A 248 1.77 -17.81 -27.36
C ASP A 248 3.10 -17.30 -26.79
N PHE A 249 3.09 -16.90 -25.52
CA PHE A 249 4.35 -16.66 -24.83
C PHE A 249 5.00 -18.02 -24.56
N GLY A 250 4.19 -19.08 -24.57
CA GLY A 250 4.67 -20.41 -24.31
C GLY A 250 4.06 -21.00 -23.06
N ILE A 251 3.16 -20.24 -22.43
CA ILE A 251 2.53 -20.64 -21.19
C ILE A 251 1.24 -21.40 -21.44
N ASN A 252 1.08 -22.54 -20.78
CA ASN A 252 -0.16 -23.31 -20.89
C ASN A 252 -1.35 -22.51 -20.36
N THR A 253 -2.36 -22.34 -21.20
CA THR A 253 -3.48 -21.45 -20.92
C THR A 253 -4.27 -21.78 -19.65
N ASP A 254 -4.24 -23.03 -19.18
CA ASP A 254 -4.89 -23.35 -17.91
C ASP A 254 -3.97 -23.11 -16.70
N ASN A 255 -2.78 -22.60 -17.00
CA ASN A 255 -1.90 -22.08 -15.97
C ASN A 255 -1.93 -20.56 -16.02
N MET A 256 -3.09 -20.05 -16.42
CA MET A 256 -3.32 -18.63 -16.46
C MET A 256 -4.44 -18.30 -15.48
N PHE A 257 -4.13 -17.49 -14.47
CA PHE A 257 -5.09 -17.14 -13.45
C PHE A 257 -5.53 -15.69 -13.62
N GLY A 258 -6.84 -15.49 -13.75
CA GLY A 258 -7.38 -14.20 -14.13
C GLY A 258 -7.88 -13.32 -13.00
N PHE A 259 -8.09 -12.05 -13.33
CA PHE A 259 -8.78 -11.11 -12.45
C PHE A 259 -9.43 -10.04 -13.33
N TRP A 260 -10.33 -9.25 -12.77
CA TRP A 260 -11.27 -8.49 -13.59
C TRP A 260 -11.01 -6.99 -13.61
N ASP A 261 -11.66 -6.31 -14.56
CA ASP A 261 -11.47 -4.87 -14.75
C ASP A 261 -11.86 -4.06 -13.50
N TRP A 262 -12.78 -4.59 -12.69
CA TRP A 262 -13.23 -3.89 -11.50
C TRP A 262 -12.29 -4.00 -10.29
N VAL A 263 -11.19 -4.71 -10.44
CA VAL A 263 -10.12 -4.66 -9.44
C VAL A 263 -8.91 -3.85 -9.92
N GLY A 264 -8.68 -2.71 -9.29
CA GLY A 264 -7.52 -1.87 -9.60
C GLY A 264 -6.22 -2.49 -9.16
N GLY A 265 -5.13 -2.15 -9.86
CA GLY A 265 -3.83 -2.72 -9.58
C GLY A 265 -3.41 -2.54 -8.13
N ARG A 266 -3.57 -1.32 -7.63
CA ARG A 266 -3.22 -1.02 -6.25
C ARG A 266 -4.22 -1.61 -5.25
N TYR A 267 -5.21 -2.34 -5.75
CA TYR A 267 -6.19 -3.05 -4.91
C TYR A 267 -6.20 -4.55 -5.24
N SER A 268 -5.16 -5.03 -5.91
CA SER A 268 -5.21 -6.36 -6.52
C SER A 268 -4.57 -7.51 -5.73
N VAL A 269 -3.87 -7.22 -4.65
CA VAL A 269 -3.07 -8.25 -3.98
C VAL A 269 -3.90 -9.43 -3.45
N ASP A 270 -5.16 -9.17 -3.09
CA ASP A 270 -6.03 -10.26 -2.61
C ASP A 270 -6.72 -11.00 -3.75
N SER A 271 -6.30 -10.71 -4.99
CA SER A 271 -6.78 -11.44 -6.15
C SER A 271 -5.73 -12.43 -6.60
N ALA A 272 -5.80 -12.87 -7.85
CA ALA A 272 -4.84 -13.80 -8.41
C ALA A 272 -3.43 -13.21 -8.40
N ILE A 273 -3.32 -11.90 -8.21
CA ILE A 273 -2.02 -11.24 -8.11
C ILE A 273 -1.27 -11.76 -6.89
N GLY A 274 -2.01 -12.30 -5.93
CA GLY A 274 -1.41 -12.86 -4.73
C GLY A 274 -0.93 -14.29 -4.89
N LEU A 275 -0.84 -14.74 -6.14
CA LEU A 275 -0.48 -16.14 -6.42
C LEU A 275 0.81 -16.56 -5.74
N SER A 276 1.81 -15.67 -5.73
CA SER A 276 3.10 -15.99 -5.15
C SER A 276 2.99 -16.19 -3.64
N LEU A 277 2.19 -15.34 -3.00
CA LEU A 277 1.92 -15.50 -1.58
C LEU A 277 1.26 -16.86 -1.29
N MET A 278 0.21 -17.19 -2.04
CA MET A 278 -0.47 -18.47 -1.84
C MET A 278 0.52 -19.61 -2.02
N THR A 279 1.51 -19.40 -2.90
CA THR A 279 2.49 -20.44 -3.16
C THR A 279 3.33 -20.75 -1.92
N VAL A 280 3.75 -19.72 -1.20
CA VAL A 280 4.63 -19.93 -0.06
C VAL A 280 3.90 -20.20 1.27
N ILE A 281 2.68 -19.71 1.42
CA ILE A 281 1.97 -19.91 2.69
C ILE A 281 0.80 -20.88 2.63
N GLY A 282 0.35 -21.20 1.42
CA GLY A 282 -0.72 -22.16 1.23
C GLY A 282 -2.10 -21.53 1.08
N ARG A 283 -3.00 -22.25 0.41
CA ARG A 283 -4.34 -21.76 0.11
C ARG A 283 -5.18 -21.45 1.36
N ASP A 284 -4.91 -22.18 2.44
CA ASP A 284 -5.64 -22.00 3.70
C ASP A 284 -5.27 -20.70 4.38
N ALA A 285 -3.97 -20.47 4.53
CA ALA A 285 -3.48 -19.22 5.09
C ALA A 285 -3.88 -18.05 4.18
N PHE A 286 -3.83 -18.28 2.86
CA PHE A 286 -4.30 -17.26 1.92
C PHE A 286 -5.75 -16.91 2.20
N ALA A 287 -6.56 -17.92 2.52
CA ALA A 287 -7.97 -17.68 2.83
C ALA A 287 -8.15 -16.89 4.14
N ASP A 288 -7.26 -17.10 5.10
CA ASP A 288 -7.29 -16.31 6.33
C ASP A 288 -6.96 -14.85 6.03
N PHE A 289 -6.04 -14.64 5.09
CA PHE A 289 -5.66 -13.32 4.61
C PHE A 289 -6.90 -12.60 4.07
N LEU A 290 -7.63 -13.26 3.17
CA LEU A 290 -8.84 -12.67 2.60
C LEU A 290 -9.87 -12.40 3.69
N ALA A 291 -9.96 -13.31 4.66
CA ALA A 291 -10.96 -13.16 5.72
C ALA A 291 -10.73 -11.90 6.54
N GLY A 292 -9.47 -11.51 6.70
CA GLY A 292 -9.13 -10.31 7.44
C GLY A 292 -9.60 -9.04 6.76
N PHE A 293 -9.48 -8.98 5.44
CA PHE A 293 -10.08 -7.89 4.66
C PHE A 293 -11.58 -7.85 4.97
N HIS A 294 -12.22 -9.02 4.93
CA HIS A 294 -13.68 -9.11 5.02
C HIS A 294 -14.22 -8.62 6.37
N ILE A 295 -13.50 -8.94 7.45
CA ILE A 295 -13.83 -8.42 8.76
C ILE A 295 -13.92 -6.90 8.73
N ILE A 296 -12.93 -6.25 8.13
CA ILE A 296 -12.90 -4.80 8.07
C ILE A 296 -13.95 -4.25 7.08
N ASP A 297 -14.18 -4.97 5.99
CA ASP A 297 -15.26 -4.64 5.05
C ASP A 297 -16.60 -4.63 5.78
N ARG A 298 -16.84 -5.70 6.51
CA ARG A 298 -18.07 -5.88 7.27
C ARG A 298 -18.22 -4.70 8.24
N HIS A 299 -17.12 -4.34 8.90
CA HIS A 299 -17.13 -3.26 9.87
C HIS A 299 -17.36 -1.90 9.21
N PHE A 300 -16.71 -1.70 8.07
CA PHE A 300 -16.84 -0.45 7.32
C PHE A 300 -18.30 -0.25 6.90
N ALA A 301 -18.93 -1.32 6.47
CA ALA A 301 -20.28 -1.25 5.92
C ALA A 301 -21.39 -1.10 6.97
N THR A 302 -21.16 -1.63 8.17
CA THR A 302 -22.23 -1.71 9.16
C THR A 302 -22.09 -0.75 10.35
N ALA A 303 -20.86 -0.49 10.79
CA ALA A 303 -20.65 0.38 11.95
C ALA A 303 -21.13 1.81 11.72
N PRO A 304 -21.75 2.40 12.75
CA PRO A 304 -22.14 3.81 12.66
C PRO A 304 -20.89 4.68 12.55
N LEU A 305 -21.00 5.79 11.82
CA LEU A 305 -19.86 6.66 11.54
C LEU A 305 -19.10 7.06 12.80
N GLU A 306 -19.81 7.16 13.91
CA GLU A 306 -19.22 7.60 15.19
C GLU A 306 -18.24 6.57 15.73
N SER A 307 -18.39 5.34 15.28
CA SER A 307 -17.54 4.24 15.76
C SER A 307 -16.95 3.46 14.60
N ASN A 308 -16.78 4.14 13.47
CA ASN A 308 -16.36 3.48 12.23
C ASN A 308 -14.88 3.77 11.94
N ALA A 309 -14.03 2.79 12.20
CA ALA A 309 -12.58 3.02 12.19
C ALA A 309 -12.01 3.69 10.92
N PRO A 310 -12.24 3.08 9.75
CA PRO A 310 -11.61 3.69 8.56
C PRO A 310 -12.15 5.10 8.28
N VAL A 311 -13.41 5.35 8.64
CA VAL A 311 -14.02 6.65 8.41
C VAL A 311 -13.43 7.71 9.31
N LEU A 312 -13.33 7.39 10.60
CA LEU A 312 -12.78 8.33 11.57
C LEU A 312 -11.33 8.67 11.22
N LEU A 313 -10.56 7.66 10.86
CA LEU A 313 -9.16 7.86 10.53
C LEU A 313 -9.01 8.69 9.25
N GLY A 314 -9.79 8.35 8.24
CA GLY A 314 -9.78 9.12 7.01
C GLY A 314 -10.10 10.59 7.28
N LEU A 315 -11.11 10.81 8.11
CA LEU A 315 -11.57 12.17 8.40
C LEU A 315 -10.52 12.95 9.17
N ILE A 316 -9.84 12.28 10.08
CA ILE A 316 -8.81 12.91 10.88
C ILE A 316 -7.65 13.29 9.96
N GLY A 317 -7.33 12.41 9.02
CA GLY A 317 -6.31 12.73 8.02
C GLY A 317 -6.61 14.01 7.26
N LEU A 318 -7.85 14.11 6.78
CA LEU A 318 -8.36 15.25 6.04
C LEU A 318 -8.30 16.52 6.88
N TRP A 319 -8.67 16.40 8.16
CA TRP A 319 -8.61 17.50 9.13
C TRP A 319 -7.21 18.16 9.08
N TYR A 320 -6.17 17.36 9.21
CA TYR A 320 -4.82 17.91 9.18
C TYR A 320 -4.44 18.45 7.80
N SER A 321 -4.79 17.71 6.76
CA SER A 321 -4.39 18.04 5.41
C SER A 321 -5.08 19.32 4.92
N ASN A 322 -6.40 19.34 5.03
CA ASN A 322 -7.15 20.47 4.51
C ASN A 322 -7.23 21.69 5.42
N PHE A 323 -7.07 21.49 6.72
CA PHE A 323 -7.24 22.61 7.65
C PHE A 323 -5.96 23.03 8.37
N PHE A 324 -4.96 22.15 8.43
CA PHE A 324 -3.68 22.52 9.00
C PHE A 324 -2.62 22.67 7.92
N GLY A 325 -2.93 22.24 6.70
CA GLY A 325 -1.99 22.29 5.60
C GLY A 325 -0.87 21.25 5.65
N ALA A 326 -1.08 20.16 6.38
CA ALA A 326 -0.07 19.10 6.43
C ALA A 326 -0.03 18.39 5.08
N GLN A 327 1.14 18.37 4.45
CA GLN A 327 1.23 17.82 3.09
C GLN A 327 1.44 16.32 3.08
N SER A 328 1.83 15.76 4.22
CA SER A 328 2.16 14.33 4.25
C SER A 328 1.71 13.61 5.50
N ARG A 329 1.64 12.29 5.41
CA ARG A 329 1.39 11.45 6.58
C ARG A 329 2.44 10.35 6.56
N THR A 330 2.94 10.00 7.74
CA THR A 330 3.99 8.99 7.85
C THR A 330 3.44 7.73 8.56
N VAL A 331 3.80 6.57 8.04
CA VAL A 331 3.33 5.29 8.57
C VAL A 331 4.53 4.50 9.05
N LEU A 332 4.51 4.12 10.32
CA LEU A 332 5.68 3.57 11.01
C LEU A 332 5.39 2.26 11.71
N PRO A 333 5.49 1.16 10.97
CA PRO A 333 5.19 -0.16 11.54
C PRO A 333 6.38 -0.67 12.36
N TYR A 334 6.14 -0.95 13.63
CA TYR A 334 7.19 -1.50 14.48
C TYR A 334 7.32 -3.00 14.29
N SER A 335 7.88 -3.35 13.13
CA SER A 335 8.00 -4.75 12.71
C SER A 335 8.89 -4.79 11.49
N ASN A 336 10.00 -5.51 11.60
CA ASN A 336 10.90 -5.62 10.46
C ASN A 336 10.22 -6.35 9.29
N ASP A 337 9.31 -7.27 9.58
CA ASP A 337 8.62 -7.99 8.51
C ASP A 337 7.71 -7.07 7.70
N LEU A 338 7.20 -6.01 8.34
CA LEU A 338 6.37 -5.03 7.67
C LEU A 338 7.20 -3.90 7.02
N SER A 339 8.48 -4.12 6.78
CA SER A 339 9.34 -3.03 6.26
C SER A 339 8.88 -2.44 4.92
N ARG A 340 8.22 -3.25 4.08
CA ARG A 340 7.70 -2.75 2.82
C ARG A 340 6.23 -2.28 2.88
N PHE A 341 5.68 -2.23 4.08
CA PHE A 341 4.30 -1.77 4.22
C PHE A 341 4.14 -0.29 3.80
N PRO A 342 4.99 0.61 4.31
CA PRO A 342 4.83 2.02 3.90
C PRO A 342 4.90 2.24 2.38
N ALA A 343 5.80 1.52 1.69
CA ALA A 343 5.91 1.62 0.23
C ALA A 343 4.64 1.13 -0.45
N TYR A 344 4.05 0.07 0.08
CA TYR A 344 2.73 -0.41 -0.40
C TYR A 344 1.65 0.67 -0.27
N LEU A 345 1.54 1.24 0.93
CA LEU A 345 0.56 2.31 1.15
C LEU A 345 0.80 3.51 0.22
N GLN A 346 2.05 3.76 -0.17
CA GLN A 346 2.31 4.89 -1.06
C GLN A 346 1.47 4.79 -2.34
N GLN A 347 1.50 3.63 -2.98
CA GLN A 347 0.71 3.48 -4.19
C GLN A 347 -0.78 3.54 -3.87
N LEU A 348 -1.21 2.77 -2.85
CA LEU A 348 -2.62 2.73 -2.48
C LEU A 348 -3.18 4.14 -2.34
N THR A 349 -2.51 4.96 -1.52
CA THR A 349 -3.01 6.27 -1.18
C THR A 349 -2.77 7.33 -2.26
N MET A 350 -1.54 7.43 -2.75
CA MET A 350 -1.18 8.53 -3.64
C MET A 350 -1.66 8.35 -5.07
N GLU A 351 -1.65 7.12 -5.56
CA GLU A 351 -2.20 6.86 -6.87
C GLU A 351 -3.73 6.97 -6.84
N SER A 352 -4.33 6.67 -5.69
CA SER A 352 -5.78 6.82 -5.58
C SER A 352 -6.20 8.30 -5.52
N ASN A 353 -5.61 9.04 -4.58
CA ASN A 353 -6.09 10.37 -4.26
C ASN A 353 -5.24 11.56 -4.73
N GLY A 354 -4.15 11.27 -5.45
CA GLY A 354 -3.37 12.30 -6.13
C GLY A 354 -4.10 12.82 -7.38
N LYS A 355 -5.14 13.61 -7.16
CA LYS A 355 -6.03 14.08 -8.23
C LYS A 355 -6.34 15.58 -8.12
N SER A 356 -6.70 16.19 -9.24
CA SER A 356 -6.96 17.62 -9.26
C SER A 356 -8.35 17.84 -9.84
N THR A 357 -9.02 16.73 -10.11
CA THR A 357 -10.30 16.75 -10.79
C THR A 357 -11.36 16.03 -9.94
N ARG A 358 -12.56 16.59 -9.90
CA ARG A 358 -13.68 15.88 -9.31
C ARG A 358 -14.18 14.83 -10.28
N ALA A 359 -15.05 13.96 -9.78
CA ALA A 359 -15.59 12.87 -10.57
C ALA A 359 -16.30 13.37 -11.82
N ASP A 360 -16.95 14.53 -11.72
CA ASP A 360 -17.62 15.12 -12.87
C ASP A 360 -16.61 15.67 -13.89
N GLY A 361 -15.47 16.14 -13.39
CA GLY A 361 -14.40 16.65 -14.22
C GLY A 361 -14.05 18.10 -13.90
N SER A 362 -14.77 18.68 -12.96
CA SER A 362 -14.51 20.05 -12.54
C SER A 362 -13.29 20.10 -11.63
N PRO A 363 -12.63 21.25 -11.57
CA PRO A 363 -11.40 21.41 -10.79
C PRO A 363 -11.67 21.47 -9.29
N VAL A 364 -10.79 20.85 -8.50
CA VAL A 364 -10.92 20.87 -7.04
C VAL A 364 -10.58 22.27 -6.50
N SER A 365 -11.16 22.62 -5.35
CA SER A 365 -10.97 23.95 -4.78
C SER A 365 -10.02 23.89 -3.60
N ALA A 366 -9.59 22.68 -3.25
CA ALA A 366 -8.71 22.44 -2.10
C ALA A 366 -7.79 21.26 -2.38
N ASP A 367 -6.80 21.06 -1.50
CA ASP A 367 -5.82 19.96 -1.62
C ASP A 367 -6.52 18.61 -1.59
N THR A 368 -5.95 17.64 -2.28
CA THR A 368 -6.62 16.36 -2.36
C THR A 368 -5.95 15.20 -1.61
N GLY A 369 -4.81 14.75 -2.06
CA GLY A 369 -4.25 13.52 -1.52
C GLY A 369 -2.88 13.78 -0.93
N GLU A 370 -2.66 13.25 0.27
CA GLU A 370 -1.45 13.51 1.02
C GLU A 370 -0.27 12.67 0.51
N ILE A 371 0.96 13.13 0.79
CA ILE A 371 2.14 12.32 0.52
C ILE A 371 2.26 11.30 1.64
N PHE A 372 2.40 10.03 1.30
CA PHE A 372 2.57 9.00 2.33
C PHE A 372 4.01 8.49 2.27
N TRP A 373 4.64 8.29 3.43
CA TRP A 373 6.02 7.82 3.49
C TRP A 373 6.30 7.24 4.87
N GLY A 374 7.28 6.34 4.97
CA GLY A 374 7.75 5.87 6.26
C GLY A 374 8.74 4.73 6.16
N GLU A 375 9.18 4.26 7.32
CA GLU A 375 10.08 3.11 7.44
C GLU A 375 9.73 2.37 8.73
N PRO A 376 10.03 1.07 8.81
CA PRO A 376 9.69 0.28 10.00
C PRO A 376 10.33 0.85 11.25
N GLY A 377 9.66 0.64 12.39
CA GLY A 377 10.06 1.20 13.64
C GLY A 377 11.31 0.61 14.26
N THR A 378 12.09 1.56 14.79
CA THR A 378 13.43 1.39 15.31
C THR A 378 14.49 1.43 14.21
N ASN A 379 14.06 1.53 12.96
CA ASN A 379 15.00 1.98 11.93
C ASN A 379 14.74 3.47 11.72
N GLY A 380 13.48 3.79 11.42
CA GLY A 380 13.09 5.16 11.16
C GLY A 380 13.43 6.06 12.32
N GLN A 381 13.28 5.50 13.52
CA GLN A 381 13.56 6.19 14.76
C GLN A 381 14.93 6.83 14.72
N HIS A 382 15.90 6.09 14.21
CA HIS A 382 17.30 6.55 14.14
C HIS A 382 17.62 7.28 12.83
N ALA A 383 16.64 7.40 11.94
CA ALA A 383 16.88 8.04 10.66
C ALA A 383 16.28 9.43 10.56
N PHE A 384 15.00 9.57 10.91
CA PHE A 384 14.28 10.82 10.66
C PHE A 384 13.37 11.32 11.76
N TYR A 385 13.32 10.65 12.90
CA TYR A 385 12.47 11.11 13.98
C TYR A 385 12.99 12.43 14.53
N GLN A 386 14.29 12.70 14.35
CA GLN A 386 14.83 14.00 14.76
C GLN A 386 13.95 15.11 14.21
N LEU A 387 13.58 14.98 12.94
CA LEU A 387 12.74 15.98 12.29
C LEU A 387 11.30 15.90 12.79
N LEU A 388 10.80 14.68 12.99
CA LEU A 388 9.46 14.50 13.55
C LEU A 388 9.33 15.25 14.89
N HIS A 389 10.35 15.14 15.72
CA HIS A 389 10.33 15.77 17.04
C HIS A 389 10.64 17.28 17.02
N GLN A 390 11.72 17.67 16.37
CA GLN A 390 12.21 19.03 16.50
C GLN A 390 12.13 19.81 15.21
N GLY A 391 11.51 19.21 14.20
CA GLY A 391 11.36 19.87 12.92
C GLY A 391 10.24 20.90 12.94
N THR A 392 9.93 21.40 11.75
CA THR A 392 9.10 22.56 11.60
C THR A 392 7.87 22.12 10.86
N ARG A 393 7.79 20.81 10.59
CA ARG A 393 6.73 20.24 9.77
C ARG A 393 5.70 19.48 10.60
N LEU A 394 4.42 19.67 10.31
CA LEU A 394 3.36 18.85 10.87
C LEU A 394 3.21 17.59 10.02
N VAL A 395 3.51 16.44 10.61
CA VAL A 395 3.43 15.13 9.94
C VAL A 395 2.62 14.12 10.77
N PRO A 396 1.28 14.13 10.61
CA PRO A 396 0.53 13.14 11.38
C PRO A 396 1.10 11.74 11.19
N ALA A 397 1.19 10.95 12.26
CA ALA A 397 1.91 9.67 12.20
C ALA A 397 1.04 8.48 12.61
N ASP A 398 1.13 7.40 11.85
CA ASP A 398 0.46 6.14 12.21
C ASP A 398 1.48 5.16 12.76
N PHE A 399 1.38 4.86 14.05
CA PHE A 399 2.20 3.81 14.61
C PHE A 399 1.44 2.48 14.55
N ILE A 400 2.04 1.50 13.89
CA ILE A 400 1.46 0.16 13.84
C ILE A 400 2.35 -0.83 14.59
N GLY A 401 1.75 -1.61 15.49
CA GLY A 401 2.52 -2.54 16.29
C GLY A 401 1.79 -3.83 16.63
N PHE A 402 2.54 -4.82 17.09
CA PHE A 402 1.97 -6.12 17.42
C PHE A 402 2.33 -6.48 18.84
N ALA A 403 1.31 -6.87 19.62
CA ALA A 403 1.50 -7.21 21.02
C ALA A 403 2.33 -8.47 21.19
N GLN A 404 1.90 -9.55 20.55
CA GLN A 404 2.59 -10.84 20.65
C GLN A 404 3.61 -10.95 19.52
N PRO A 405 4.85 -11.35 19.85
CA PRO A 405 5.85 -11.59 18.79
C PRO A 405 5.69 -13.00 18.23
N LEU A 406 6.18 -13.22 17.02
CA LEU A 406 6.12 -14.54 16.39
C LEU A 406 7.21 -15.43 16.95
N ASP A 407 8.38 -14.83 17.09
CA ASP A 407 9.54 -15.46 17.72
C ASP A 407 10.20 -14.37 18.54
N ASP A 408 10.91 -14.76 19.59
CA ASP A 408 11.50 -13.76 20.46
C ASP A 408 12.88 -14.22 20.93
N LEU A 409 13.64 -13.26 21.43
CA LEU A 409 15.01 -13.44 21.91
C LEU A 409 15.12 -12.69 23.23
N PRO A 410 16.01 -13.15 24.12
CA PRO A 410 16.27 -12.39 25.36
C PRO A 410 17.08 -11.12 25.14
N THR A 411 17.01 -10.21 26.09
CA THR A 411 17.84 -9.00 26.07
C THR A 411 19.30 -9.38 26.30
N ALA A 412 20.14 -8.36 26.51
CA ALA A 412 21.58 -8.61 26.58
C ALA A 412 22.04 -9.26 27.87
N GLU A 413 21.19 -9.30 28.88
CA GLU A 413 21.55 -9.98 30.12
C GLU A 413 21.03 -11.42 30.18
N GLY A 414 20.41 -11.86 29.09
CA GLY A 414 19.93 -13.22 28.98
C GLY A 414 18.59 -13.44 29.63
N THR A 415 17.90 -12.34 29.94
CA THR A 415 16.55 -12.40 30.44
C THR A 415 15.65 -11.47 29.61
N GLY A 416 14.36 -11.45 29.92
CA GLY A 416 13.45 -10.51 29.29
C GLY A 416 13.18 -10.80 27.82
N SER A 417 12.94 -9.74 27.05
CA SER A 417 12.40 -9.89 25.71
C SER A 417 12.82 -8.75 24.79
N MET A 418 13.41 -9.09 23.64
CA MET A 418 13.74 -8.08 22.63
C MET A 418 12.47 -7.44 22.11
N HIS A 419 11.42 -8.24 21.96
CA HIS A 419 10.14 -7.71 21.51
C HIS A 419 9.60 -6.62 22.46
N ASP A 420 9.73 -6.83 23.76
CA ASP A 420 9.31 -5.82 24.74
C ASP A 420 10.19 -4.56 24.62
N LEU A 421 11.45 -4.75 24.22
CA LEU A 421 12.32 -3.60 23.98
C LEU A 421 11.75 -2.78 22.83
N LEU A 422 11.41 -3.48 21.75
CA LEU A 422 10.82 -2.87 20.55
C LEU A 422 9.61 -2.04 20.96
N MET A 423 8.70 -2.68 21.69
CA MET A 423 7.41 -2.09 21.98
C MET A 423 7.48 -0.96 23.02
N SER A 424 8.52 -0.96 23.85
CA SER A 424 8.70 0.16 24.78
C SER A 424 8.92 1.43 23.98
N ASN A 425 9.60 1.30 22.83
CA ASN A 425 9.79 2.43 21.93
C ASN A 425 8.47 2.82 21.30
N PHE A 426 7.72 1.80 20.91
CA PHE A 426 6.44 2.01 20.25
C PHE A 426 5.55 2.92 21.11
N PHE A 427 5.50 2.65 22.41
CA PHE A 427 4.62 3.43 23.29
C PHE A 427 5.20 4.79 23.66
N ALA A 428 6.52 4.84 23.85
CA ALA A 428 7.18 6.07 24.28
C ALA A 428 7.17 7.15 23.18
N GLN A 429 7.40 6.74 21.93
CA GLN A 429 7.55 7.70 20.84
C GLN A 429 6.29 8.55 20.64
N THR A 430 5.13 7.92 20.62
CA THR A 430 3.86 8.63 20.45
C THR A 430 3.63 9.55 21.65
N GLN A 431 4.00 9.09 22.83
CA GLN A 431 3.84 9.87 24.05
C GLN A 431 4.71 11.12 23.95
N VAL A 432 5.96 10.93 23.59
CA VAL A 432 6.90 12.04 23.46
C VAL A 432 6.50 12.99 22.32
N LEU A 433 6.06 12.44 21.19
CA LEU A 433 5.62 13.28 20.07
C LEU A 433 4.46 14.16 20.49
N ALA A 434 3.53 13.59 21.23
CA ALA A 434 2.34 14.33 21.63
C ALA A 434 2.65 15.48 22.59
N PHE A 435 3.36 15.18 23.67
CA PHE A 435 3.40 16.10 24.79
C PHE A 435 4.73 16.85 24.95
N GLY A 436 5.79 16.30 24.38
CA GLY A 436 7.07 16.98 24.36
C GLY A 436 7.66 17.25 25.73
N LYS A 437 8.47 18.30 25.82
CA LYS A 437 9.17 18.64 27.04
C LYS A 437 9.58 20.11 27.00
N THR A 438 9.26 20.85 28.06
CA THR A 438 9.48 22.29 28.09
C THR A 438 10.89 22.67 28.53
N ALA A 439 11.24 23.93 28.31
CA ALA A 439 12.50 24.48 28.77
C ALA A 439 12.65 24.29 30.28
N GLU A 440 11.59 24.60 31.02
CA GLU A 440 11.61 24.45 32.46
C GLU A 440 11.86 23.00 32.87
N GLU A 441 11.24 22.07 32.15
CA GLU A 441 11.36 20.65 32.47
C GLU A 441 12.75 20.12 32.17
N ILE A 442 13.38 20.68 31.13
CA ILE A 442 14.73 20.31 30.76
C ILE A 442 15.75 20.91 31.73
N ALA A 443 15.55 22.17 32.08
CA ALA A 443 16.39 22.84 33.06
C ALA A 443 16.39 22.11 34.42
N ALA A 444 15.25 21.52 34.79
CA ALA A 444 15.14 20.77 36.04
C ALA A 444 15.95 19.48 35.98
N ASP A 445 16.32 19.08 34.77
CA ASP A 445 17.11 17.87 34.55
C ASP A 445 18.58 18.09 34.91
N GLY A 446 19.01 19.35 34.89
CA GLY A 446 20.40 19.68 35.16
C GLY A 446 21.19 20.08 33.93
N THR A 447 20.51 20.17 32.79
CA THR A 447 21.13 20.59 31.55
C THR A 447 21.69 22.00 31.67
N PRO A 448 22.90 22.22 31.12
CA PRO A 448 23.44 23.59 31.09
C PRO A 448 22.45 24.52 30.42
N ALA A 449 22.28 25.70 30.99
CA ALA A 449 21.24 26.64 30.57
C ALA A 449 21.30 26.97 29.09
N HIS A 450 22.51 27.16 28.57
CA HIS A 450 22.67 27.59 27.18
C HIS A 450 22.40 26.46 26.19
N VAL A 451 22.36 25.23 26.69
CA VAL A 451 22.06 24.06 25.86
C VAL A 451 20.56 23.76 25.86
N VAL A 452 19.86 24.24 26.88
CA VAL A 452 18.45 23.91 27.06
C VAL A 452 17.60 24.07 25.79
N ALA A 453 17.70 25.22 25.15
CA ALA A 453 16.87 25.53 23.99
C ALA A 453 16.96 24.49 22.87
N HIS A 454 18.14 23.89 22.72
CA HIS A 454 18.37 22.93 21.65
C HIS A 454 17.71 21.58 21.95
N LYS A 455 17.38 21.37 23.22
CA LYS A 455 16.78 20.13 23.68
C LYS A 455 15.26 20.24 23.79
N VAL A 456 14.72 21.46 23.71
CA VAL A 456 13.28 21.64 23.87
C VAL A 456 12.48 20.81 22.87
N MET A 457 11.49 20.09 23.37
CA MET A 457 10.62 19.30 22.52
C MET A 457 9.23 19.92 22.52
N PRO A 458 8.90 20.66 21.46
CA PRO A 458 7.65 21.42 21.40
C PRO A 458 6.40 20.53 21.42
N GLY A 459 6.53 19.27 21.02
CA GLY A 459 5.40 18.36 21.02
C GLY A 459 4.27 18.80 20.09
N ASN A 460 3.04 18.42 20.43
CA ASN A 460 1.87 18.68 19.59
C ASN A 460 1.95 17.97 18.23
N ARG A 461 2.68 16.86 18.19
CA ARG A 461 2.83 16.08 16.96
C ARG A 461 1.96 14.84 17.08
N PRO A 462 0.89 14.80 16.29
CA PRO A 462 -0.19 13.84 16.56
C PRO A 462 0.04 12.46 15.97
N SER A 463 -0.64 11.47 16.54
CA SER A 463 -0.49 10.10 16.06
C SER A 463 -1.72 9.24 16.38
N THR A 464 -1.93 8.25 15.52
CA THR A 464 -2.79 7.11 15.78
C THR A 464 -1.87 5.95 16.15
N SER A 465 -2.25 5.19 17.16
CA SER A 465 -1.56 3.93 17.44
C SER A 465 -2.49 2.79 17.12
N ILE A 466 -2.02 1.87 16.28
CA ILE A 466 -2.77 0.66 15.99
C ILE A 466 -2.01 -0.50 16.59
N LEU A 467 -2.59 -1.12 17.60
CA LEU A 467 -1.97 -2.25 18.27
C LEU A 467 -2.72 -3.52 17.90
N ALA A 468 -2.16 -4.27 16.95
CA ALA A 468 -2.75 -5.55 16.57
C ALA A 468 -2.29 -6.59 17.56
N SER A 469 -3.09 -7.63 17.76
CA SER A 469 -2.78 -8.69 18.72
C SER A 469 -1.53 -9.46 18.32
N ARG A 470 -1.39 -9.71 17.03
CA ARG A 470 -0.34 -10.60 16.55
C ARG A 470 -0.25 -10.48 15.02
N LEU A 471 0.95 -10.57 14.46
CA LEU A 471 1.06 -10.50 12.99
C LEU A 471 0.70 -11.83 12.35
N THR A 472 -0.49 -11.88 11.78
CA THR A 472 -0.99 -13.08 11.14
C THR A 472 -1.52 -12.68 9.75
N PRO A 473 -1.73 -13.67 8.88
CA PRO A 473 -2.32 -13.35 7.58
C PRO A 473 -3.61 -12.55 7.70
N SER A 474 -4.51 -12.94 8.61
CA SER A 474 -5.76 -12.21 8.80
C SER A 474 -5.50 -10.77 9.21
N VAL A 475 -4.63 -10.58 10.20
CA VAL A 475 -4.31 -9.24 10.65
C VAL A 475 -3.71 -8.36 9.54
N LEU A 476 -2.88 -8.95 8.68
CA LEU A 476 -2.36 -8.19 7.56
C LEU A 476 -3.52 -7.74 6.66
N GLY A 477 -4.43 -8.66 6.38
CA GLY A 477 -5.60 -8.36 5.58
C GLY A 477 -6.43 -7.25 6.22
N GLN A 478 -6.58 -7.31 7.54
CA GLN A 478 -7.30 -6.26 8.26
C GLN A 478 -6.65 -4.88 8.07
N LEU A 479 -5.32 -4.81 8.16
CA LEU A 479 -4.60 -3.55 8.02
C LEU A 479 -4.74 -2.95 6.61
N ILE A 480 -4.55 -3.79 5.60
CA ILE A 480 -4.72 -3.31 4.23
C ILE A 480 -6.12 -2.74 4.01
N ALA A 481 -7.14 -3.50 4.41
CA ALA A 481 -8.52 -3.07 4.23
C ALA A 481 -8.78 -1.77 4.99
N LEU A 482 -8.21 -1.68 6.19
CA LEU A 482 -8.35 -0.46 6.99
C LEU A 482 -7.92 0.76 6.18
N TYR A 483 -6.79 0.66 5.49
CA TYR A 483 -6.25 1.80 4.71
C TYR A 483 -7.04 2.00 3.42
N GLU A 484 -7.42 0.91 2.76
CA GLU A 484 -8.26 1.01 1.57
C GLU A 484 -9.49 1.86 1.84
N HIS A 485 -10.08 1.69 3.02
CA HIS A 485 -11.33 2.41 3.33
C HIS A 485 -11.12 3.84 3.82
N GLN A 486 -9.99 4.12 4.45
CA GLN A 486 -9.61 5.51 4.71
C GLN A 486 -9.47 6.25 3.37
N VAL A 487 -8.73 5.65 2.44
CA VAL A 487 -8.54 6.25 1.12
C VAL A 487 -9.91 6.55 0.49
N PHE A 488 -10.82 5.59 0.63
CA PHE A 488 -12.17 5.77 0.12
C PHE A 488 -12.87 6.96 0.77
N THR A 489 -12.82 7.07 2.10
CA THR A 489 -13.56 8.16 2.73
C THR A 489 -13.00 9.54 2.36
N GLU A 490 -11.68 9.69 2.31
CA GLU A 490 -11.11 10.98 1.93
C GLU A 490 -11.49 11.34 0.48
N GLY A 491 -11.45 10.35 -0.40
CA GLY A 491 -11.82 10.56 -1.78
C GLY A 491 -13.25 11.04 -1.94
N VAL A 492 -14.18 10.33 -1.32
CA VAL A 492 -15.59 10.70 -1.39
C VAL A 492 -15.81 12.13 -0.88
N VAL A 493 -15.24 12.45 0.26
CA VAL A 493 -15.35 13.80 0.77
C VAL A 493 -14.89 14.87 -0.24
N TRP A 494 -13.75 14.63 -0.88
CA TRP A 494 -13.23 15.59 -1.87
C TRP A 494 -14.01 15.53 -3.18
N GLY A 495 -14.76 14.46 -3.37
CA GLY A 495 -15.56 14.27 -4.56
C GLY A 495 -14.73 13.88 -5.77
N ILE A 496 -13.55 13.31 -5.54
CA ILE A 496 -12.69 12.86 -6.63
C ILE A 496 -12.96 11.40 -6.99
N ASP A 497 -12.37 10.97 -8.10
CA ASP A 497 -12.43 9.57 -8.52
C ASP A 497 -11.14 8.88 -8.10
N SER A 498 -11.16 8.16 -6.98
CA SER A 498 -9.90 7.60 -6.50
C SER A 498 -9.56 6.20 -7.04
N PHE A 499 -10.21 5.81 -8.13
CA PHE A 499 -9.99 4.49 -8.70
C PHE A 499 -9.48 4.50 -10.14
N ASP A 500 -9.16 5.68 -10.64
CA ASP A 500 -8.54 5.80 -11.95
C ASP A 500 -7.10 6.30 -11.79
N GLN A 501 -6.34 6.37 -12.89
CA GLN A 501 -4.94 6.80 -12.82
C GLN A 501 -4.46 7.29 -14.19
N TRP A 502 -5.14 8.32 -14.70
CA TRP A 502 -4.87 8.84 -16.03
C TRP A 502 -3.49 9.49 -16.09
N GLY A 503 -3.00 9.95 -14.94
CA GLY A 503 -1.78 10.73 -14.88
C GLY A 503 -0.52 10.01 -15.30
N VAL A 504 -0.61 8.71 -15.55
CA VAL A 504 0.57 7.94 -15.91
C VAL A 504 0.74 7.66 -17.41
N GLU A 505 -0.34 7.84 -18.18
CA GLU A 505 -0.33 7.51 -19.59
C GLU A 505 0.71 8.31 -20.37
N LEU A 506 0.65 9.63 -20.26
CA LEU A 506 1.53 10.50 -21.04
C LEU A 506 3.01 10.17 -20.87
N GLY A 507 3.42 9.82 -19.66
CA GLY A 507 4.80 9.46 -19.38
C GLY A 507 5.24 8.25 -20.19
N LYS A 508 4.32 7.31 -20.37
CA LYS A 508 4.60 6.11 -21.13
C LYS A 508 4.77 6.41 -22.62
N THR A 509 3.81 7.13 -23.20
CA THR A 509 3.85 7.46 -24.62
C THR A 509 5.02 8.38 -24.95
N GLN A 510 5.34 9.30 -24.06
CA GLN A 510 6.51 10.17 -24.24
C GLN A 510 7.83 9.41 -24.15
N ALA A 511 7.90 8.38 -23.31
CA ALA A 511 9.10 7.53 -23.26
C ALA A 511 9.27 6.74 -24.56
N LYS A 512 8.17 6.21 -25.09
CA LYS A 512 8.22 5.50 -26.35
C LYS A 512 8.74 6.41 -27.47
N ALA A 513 8.32 7.68 -27.45
CA ALA A 513 8.72 8.65 -28.47
C ALA A 513 10.19 9.09 -28.32
N LEU A 514 10.67 9.19 -27.08
CA LEU A 514 12.03 9.63 -26.84
C LEU A 514 13.08 8.53 -27.08
N LEU A 515 12.63 7.28 -27.10
CA LEU A 515 13.55 6.14 -27.24
C LEU A 515 14.41 6.18 -28.52
N PRO A 516 13.79 6.44 -29.69
CA PRO A 516 14.55 6.48 -30.94
C PRO A 516 15.53 7.64 -30.93
N VAL A 517 15.16 8.68 -30.20
CA VAL A 517 16.01 9.87 -30.09
C VAL A 517 17.34 9.51 -29.42
N ILE A 518 17.29 8.75 -28.33
CA ILE A 518 18.52 8.42 -27.62
C ILE A 518 19.21 7.18 -28.20
N THR A 519 18.51 6.48 -29.09
CA THR A 519 18.98 5.19 -29.60
C THR A 519 19.39 5.17 -31.09
N GLY A 520 18.75 5.98 -31.91
CA GLY A 520 18.93 5.89 -33.35
C GLY A 520 20.26 6.40 -33.86
N ALA A 521 20.60 6.04 -35.10
CA ALA A 521 21.79 6.56 -35.75
C ALA A 521 21.63 8.05 -36.01
N GLY A 522 22.74 8.78 -35.95
CA GLY A 522 22.71 10.19 -36.33
C GLY A 522 22.08 11.09 -35.28
N SER A 523 22.52 12.35 -35.28
CA SER A 523 22.09 13.29 -34.25
C SER A 523 20.60 13.59 -34.29
N PRO A 524 19.98 13.61 -33.11
CA PRO A 524 18.56 13.92 -32.90
C PRO A 524 18.24 15.33 -33.39
N PRO A 525 17.02 15.52 -33.94
CA PRO A 525 16.50 16.85 -34.28
C PRO A 525 16.32 17.66 -33.00
N PRO A 526 16.14 19.00 -33.13
CA PRO A 526 15.87 19.81 -31.94
C PRO A 526 14.67 19.24 -31.16
N GLN A 527 14.86 19.02 -29.86
CA GLN A 527 13.78 18.51 -29.02
C GLN A 527 12.80 19.62 -28.59
N SER A 528 11.73 19.23 -27.90
CA SER A 528 10.66 20.13 -27.45
C SER A 528 11.13 21.27 -26.54
N ASP A 529 12.25 21.05 -25.85
CA ASP A 529 12.75 22.05 -24.92
C ASP A 529 14.26 21.87 -24.76
N SER A 530 14.94 22.95 -24.39
CA SER A 530 16.40 22.93 -24.35
C SER A 530 16.98 22.02 -23.26
N SER A 531 16.18 21.67 -22.25
CA SER A 531 16.70 20.80 -21.20
C SER A 531 16.79 19.36 -21.67
N THR A 532 15.69 18.81 -22.18
CA THR A 532 15.76 17.44 -22.67
C THR A 532 16.69 17.39 -23.89
N ASP A 533 16.79 18.51 -24.60
CA ASP A 533 17.71 18.59 -25.75
C ASP A 533 19.17 18.42 -25.32
N GLY A 534 19.60 19.19 -24.33
CA GLY A 534 20.93 19.02 -23.74
C GLY A 534 21.14 17.66 -23.08
N LEU A 535 20.13 17.16 -22.37
CA LEU A 535 20.27 15.89 -21.68
C LEU A 535 20.44 14.71 -22.63
N VAL A 536 19.58 14.65 -23.64
CA VAL A 536 19.68 13.61 -24.66
C VAL A 536 21.05 13.60 -25.37
N ARG A 537 21.63 14.78 -25.60
CA ARG A 537 22.92 14.88 -26.28
C ARG A 537 24.05 14.38 -25.39
N ARG A 538 24.01 14.81 -24.13
CA ARG A 538 24.99 14.34 -23.17
C ARG A 538 24.88 12.82 -23.01
N TYR A 539 23.65 12.31 -23.06
CA TYR A 539 23.42 10.87 -22.90
C TYR A 539 24.09 10.14 -24.04
N ARG A 540 23.84 10.62 -25.26
CA ARG A 540 24.47 10.02 -26.43
C ARG A 540 26.00 9.99 -26.34
N THR A 541 26.62 11.12 -26.06
CA THR A 541 28.07 11.13 -25.98
C THR A 541 28.54 10.10 -24.93
N GLU A 542 27.87 10.10 -23.78
CA GLU A 542 28.30 9.27 -22.66
C GLU A 542 28.13 7.77 -22.93
N ARG A 543 27.10 7.40 -23.68
CA ARG A 543 26.96 5.98 -24.10
C ARG A 543 27.86 5.54 -25.26
N GLY A 544 28.77 6.40 -25.71
CA GLY A 544 29.69 6.06 -26.78
C GLY A 544 29.07 6.08 -28.17
N ARG A 545 28.25 7.10 -28.44
CA ARG A 545 27.39 7.11 -29.61
C ARG A 545 27.57 8.38 -30.40
N ALA A 546 28.22 9.36 -29.77
CA ALA A 546 28.31 10.69 -30.33
C ALA A 546 29.69 10.98 -30.86
N GLY A 547 30.47 9.94 -31.11
CA GLY A 547 31.64 10.13 -31.94
C GLY A 547 30.96 10.57 -33.20
N LEU A 548 31.41 11.68 -33.78
CA LEU A 548 30.79 12.25 -34.98
C LEU A 548 29.58 13.16 -34.69
N GLU A 549 29.31 13.41 -33.41
CA GLU A 549 28.26 14.36 -33.05
C GLU A 549 28.80 15.50 -32.19
#